data_4N04
#
_entry.id   4N04
#
_cell.length_a   123.600
_cell.length_b   123.600
_cell.length_c   123.600
_cell.angle_alpha   90.00
_cell.angle_beta   90.00
_cell.angle_gamma   90.00
#
_symmetry.space_group_name_H-M   'I 21 3'
#
loop_
_entity.id
_entity.type
_entity.pdbx_description
1 polymer 'Glyoxalase/bleomycin resistance protein/dioxygenase'
2 non-polymer '2-[N-CYCLOHEXYLAMINO]ETHANE SULFONIC ACID'
3 non-polymer GLYCEROL
4 water water
#
_entity_poly.entity_id   1
_entity_poly.type   'polypeptide(L)'
_entity_poly.pdbx_seq_one_letter_code
;SNA(MSE)SLNLFAGVAVGDFGAALAWYRSLLGAEPTFYPHETEAVWQLEEGRLLYIVERPEHAGHA(MSE)QTLIVEDL
DAVLSGASERGVEAAKQETYANGVRKVTYLDPDGSEIAFGEVPR
;
_entity_poly.pdbx_strand_id   A,B
#
# COMPACT_ATOMS: atom_id res chain seq x y z
N SER A 5 -4.10 15.84 6.33
CA SER A 5 -5.09 16.03 5.26
C SER A 5 -5.40 14.70 4.55
N LEU A 6 -4.49 13.74 4.67
CA LEU A 6 -4.69 12.42 4.07
C LEU A 6 -4.08 11.33 4.94
N ASN A 7 -4.86 10.27 5.18
CA ASN A 7 -4.37 9.07 5.83
C ASN A 7 -4.27 7.92 4.82
N LEU A 8 -3.03 7.51 4.54
CA LEU A 8 -2.77 6.43 3.62
C LEU A 8 -2.68 5.10 4.36
N PHE A 9 -3.67 4.24 4.12
CA PHE A 9 -3.68 2.85 4.57
C PHE A 9 -3.19 1.90 3.47
N ALA A 10 -1.95 1.44 3.60
CA ALA A 10 -1.40 0.47 2.65
C ALA A 10 -1.86 -0.94 3.08
N GLY A 11 -2.63 -1.61 2.22
CA GLY A 11 -3.19 -2.90 2.56
C GLY A 11 -2.49 -4.14 2.03
N VAL A 12 -2.60 -5.23 2.77
CA VAL A 12 -2.06 -6.50 2.33
C VAL A 12 -3.10 -7.58 2.56
N ALA A 13 -3.51 -8.27 1.50
CA ALA A 13 -4.40 -9.40 1.69
C ALA A 13 -3.58 -10.61 2.17
N VAL A 14 -4.08 -11.31 3.18
CA VAL A 14 -3.40 -12.52 3.65
C VAL A 14 -4.28 -13.78 3.66
N GLY A 15 -3.63 -14.93 3.73
CA GLY A 15 -4.30 -16.21 3.80
C GLY A 15 -4.73 -16.56 5.22
N ASP A 16 -3.85 -17.18 6.02
CA ASP A 16 -4.12 -17.39 7.44
C ASP A 16 -3.83 -16.13 8.23
N PHE A 17 -4.85 -15.59 8.90
CA PHE A 17 -4.67 -14.35 9.63
C PHE A 17 -3.64 -14.48 10.77
N GLY A 18 -3.78 -15.51 11.59
CA GLY A 18 -2.85 -15.73 12.68
C GLY A 18 -1.37 -15.77 12.30
N ALA A 19 -1.04 -16.51 11.24
CA ALA A 19 0.35 -16.58 10.78
C ALA A 19 0.82 -15.20 10.34
N ALA A 20 -0.04 -14.49 9.63
CA ALA A 20 0.31 -13.18 9.09
C ALA A 20 0.50 -12.16 10.22
N LEU A 21 -0.42 -12.18 11.19
CA LEU A 21 -0.34 -11.26 12.31
C LEU A 21 0.97 -11.48 13.08
N ALA A 22 1.31 -12.75 13.32
CA ALA A 22 2.53 -13.08 14.02
C ALA A 22 3.74 -12.51 13.27
N TRP A 23 3.80 -12.82 11.98
CA TRP A 23 4.91 -12.39 11.14
C TRP A 23 5.05 -10.87 11.07
N TYR A 24 3.96 -10.17 10.79
CA TYR A 24 4.04 -8.71 10.70
C TYR A 24 4.42 -8.09 12.05
N ARG A 25 3.98 -8.71 13.13
CA ARG A 25 4.35 -8.28 14.49
C ARG A 25 5.87 -8.33 14.65
N SER A 26 6.44 -9.51 14.38
CA SER A 26 7.89 -9.68 14.41
C SER A 26 8.61 -8.66 13.55
N LEU A 27 8.18 -8.52 12.30
CA LEU A 27 8.86 -7.65 11.37
C LEU A 27 8.85 -6.21 11.87
N LEU A 28 7.67 -5.71 12.21
CA LEU A 28 7.55 -4.30 12.59
C LEU A 28 7.99 -4.05 14.05
N GLY A 29 8.00 -5.10 14.86
CA GLY A 29 8.37 -4.96 16.25
C GLY A 29 7.39 -4.11 17.04
N ALA A 30 6.13 -4.20 16.66
CA ALA A 30 5.07 -3.51 17.38
C ALA A 30 3.81 -4.32 17.25
N GLU A 31 2.88 -4.05 18.15
CA GLU A 31 1.58 -4.69 18.14
C GLU A 31 0.68 -3.84 17.29
N PRO A 32 -0.36 -4.44 16.71
CA PRO A 32 -1.33 -3.67 15.94
C PRO A 32 -1.84 -2.48 16.74
N THR A 33 -1.96 -1.32 16.11
CA THR A 33 -2.58 -0.17 16.75
C THR A 33 -4.07 -0.43 17.08
N PHE A 34 -4.77 -1.15 16.22
CA PHE A 34 -6.14 -1.60 16.50
C PHE A 34 -6.60 -2.67 15.53
N TYR A 35 -7.68 -3.36 15.92
CA TYR A 35 -8.31 -4.35 15.05
C TYR A 35 -9.71 -3.89 14.63
N PRO A 36 -9.85 -3.40 13.39
CA PRO A 36 -11.18 -3.08 12.84
C PRO A 36 -12.15 -4.26 12.97
N HIS A 37 -11.69 -5.48 12.74
CA HIS A 37 -12.48 -6.66 13.09
C HIS A 37 -11.56 -7.83 13.43
N GLU A 38 -12.08 -9.05 13.44
CA GLU A 38 -11.30 -10.17 13.94
C GLU A 38 -10.19 -10.66 13.01
N THR A 39 -10.40 -10.54 11.69
CA THR A 39 -9.33 -10.89 10.76
C THR A 39 -8.76 -9.66 10.03
N GLU A 40 -8.55 -8.59 10.81
CA GLU A 40 -8.00 -7.35 10.30
C GLU A 40 -7.20 -6.63 11.35
N ALA A 41 -5.98 -6.25 11.01
CA ALA A 41 -5.10 -5.57 11.94
C ALA A 41 -4.45 -4.38 11.24
N VAL A 42 -4.44 -3.25 11.92
CA VAL A 42 -3.90 -2.00 11.41
C VAL A 42 -2.71 -1.56 12.28
N TRP A 43 -1.59 -1.23 11.64
CA TRP A 43 -0.47 -0.62 12.34
C TRP A 43 -0.35 0.82 11.91
N GLN A 44 -0.30 1.73 12.87
CA GLN A 44 0.12 3.08 12.57
C GLN A 44 1.63 3.11 12.67
N LEU A 45 2.27 3.38 11.54
CA LEU A 45 3.72 3.40 11.46
C LEU A 45 4.20 4.79 11.84
N GLU A 46 3.39 5.76 11.45
CA GLU A 46 3.70 7.16 11.63
C GLU A 46 2.40 7.89 11.33
N GLU A 47 2.40 9.21 11.50
CA GLU A 47 1.21 9.99 11.30
C GLU A 47 0.81 9.96 9.82
N GLY A 48 -0.37 9.43 9.56
CA GLY A 48 -0.91 9.40 8.22
C GLY A 48 -0.39 8.27 7.36
N ARG A 49 0.46 7.42 7.93
CA ARG A 49 1.04 6.30 7.21
C ARG A 49 0.78 5.01 7.97
N LEU A 50 -0.17 4.23 7.48
CA LEU A 50 -0.57 3.02 8.20
C LEU A 50 -0.51 1.81 7.29
N LEU A 51 -0.30 0.65 7.89
CA LEU A 51 -0.26 -0.60 7.16
C LEU A 51 -1.33 -1.50 7.77
N TYR A 52 -2.11 -2.16 6.93
CA TYR A 52 -3.07 -3.13 7.44
C TYR A 52 -3.08 -4.47 6.69
N ILE A 53 -3.35 -5.53 7.44
CA ILE A 53 -3.55 -6.85 6.87
C ILE A 53 -5.01 -7.27 7.05
N VAL A 54 -5.55 -8.00 6.08
CA VAL A 54 -6.91 -8.49 6.19
C VAL A 54 -6.95 -9.88 5.57
N GLU A 55 -7.74 -10.78 6.13
CA GLU A 55 -7.86 -12.11 5.56
C GLU A 55 -8.72 -12.07 4.30
N ARG A 56 -8.09 -12.13 3.13
CA ARG A 56 -8.79 -12.30 1.86
C ARG A 56 -7.92 -13.26 1.05
N PRO A 57 -8.06 -14.56 1.31
CA PRO A 57 -7.11 -15.53 0.76
C PRO A 57 -7.05 -15.52 -0.76
N GLU A 58 -8.12 -15.13 -1.44
CA GLU A 58 -8.09 -15.11 -2.89
C GLU A 58 -7.14 -14.06 -3.46
N HIS A 59 -6.69 -13.13 -2.62
CA HIS A 59 -5.76 -12.10 -3.08
C HIS A 59 -4.42 -12.13 -2.40
N ALA A 60 -4.19 -13.16 -1.58
CA ALA A 60 -3.02 -13.17 -0.71
C ALA A 60 -1.74 -13.41 -1.50
N GLY A 61 -0.64 -12.79 -1.03
CA GLY A 61 0.69 -13.07 -1.56
C GLY A 61 1.03 -12.34 -2.84
N HIS A 62 0.33 -11.25 -3.10
CA HIS A 62 0.53 -10.49 -4.32
C HIS A 62 0.82 -9.02 -4.07
N ALA A 63 0.89 -8.64 -2.79
CA ALA A 63 0.95 -7.23 -2.44
C ALA A 63 2.38 -6.73 -2.55
N GLN A 65 4.58 -3.39 -0.87
CA GLN A 65 4.64 -2.15 -0.13
C GLN A 65 6.11 -1.80 0.11
N THR A 66 6.45 -0.52 0.01
CA THR A 66 7.82 -0.10 0.28
C THR A 66 7.86 0.97 1.35
N LEU A 67 8.71 0.78 2.36
CA LEU A 67 8.90 1.82 3.36
C LEU A 67 10.33 2.32 3.32
N ILE A 68 10.48 3.62 3.15
CA ILE A 68 11.79 4.23 3.15
C ILE A 68 11.96 4.77 4.56
N VAL A 69 12.95 4.27 5.27
CA VAL A 69 13.09 4.60 6.69
C VAL A 69 14.36 5.38 6.97
N GLU A 70 14.47 5.89 8.19
CA GLU A 70 15.67 6.58 8.62
C GLU A 70 16.77 5.57 8.93
N ASP A 71 16.44 4.53 9.69
CA ASP A 71 17.44 3.57 10.17
C ASP A 71 17.20 2.16 9.65
N LEU A 72 17.68 1.88 8.45
CA LEU A 72 17.51 0.57 7.83
C LEU A 72 18.15 -0.54 8.68
N ASP A 73 19.27 -0.23 9.30
CA ASP A 73 20.00 -1.22 10.08
C ASP A 73 19.19 -1.68 11.27
N ALA A 74 18.42 -0.75 11.84
CA ALA A 74 17.59 -1.05 13.00
C ALA A 74 16.47 -1.98 12.57
N VAL A 75 15.81 -1.62 11.47
CA VAL A 75 14.78 -2.45 10.87
C VAL A 75 15.33 -3.85 10.70
N LEU A 76 16.50 -3.95 10.09
CA LEU A 76 17.14 -5.24 9.84
C LEU A 76 17.39 -6.04 11.13
N SER A 77 18.19 -5.50 12.04
CA SER A 77 18.60 -6.25 13.23
C SER A 77 17.44 -6.58 14.16
N GLY A 78 16.56 -5.60 14.40
CA GLY A 78 15.37 -5.80 15.21
C GLY A 78 14.50 -6.93 14.70
N ALA A 79 14.30 -6.99 13.39
CA ALA A 79 13.52 -8.05 12.77
C ALA A 79 14.25 -9.39 12.89
N SER A 80 15.57 -9.34 12.86
CA SER A 80 16.40 -10.54 13.00
C SER A 80 16.26 -11.17 14.38
N GLU A 81 16.30 -10.32 15.41
CA GLU A 81 16.24 -10.82 16.78
C GLU A 81 14.87 -11.41 17.07
N ARG A 82 13.86 -10.94 16.35
CA ARG A 82 12.49 -11.42 16.55
C ARG A 82 12.17 -12.50 15.53
N GLY A 83 13.21 -12.98 14.86
CA GLY A 83 13.13 -14.19 14.08
C GLY A 83 12.74 -14.10 12.61
N VAL A 84 12.72 -12.90 12.03
CA VAL A 84 12.43 -12.78 10.60
C VAL A 84 13.60 -12.20 9.78
N GLU A 85 13.98 -12.91 8.73
CA GLU A 85 15.10 -12.49 7.89
C GLU A 85 14.62 -11.98 6.53
N ALA A 86 15.42 -11.14 5.90
CA ALA A 86 15.08 -10.63 4.59
C ALA A 86 15.20 -11.73 3.52
N ALA A 87 14.37 -11.63 2.49
CA ALA A 87 14.47 -12.51 1.34
C ALA A 87 15.67 -12.10 0.47
N LYS A 88 15.88 -10.80 0.30
CA LYS A 88 16.90 -10.29 -0.60
C LYS A 88 17.44 -8.95 -0.11
N GLN A 89 18.75 -8.74 -0.29
CA GLN A 89 19.37 -7.42 -0.08
C GLN A 89 20.08 -6.89 -1.33
N GLU A 90 19.63 -5.73 -1.81
CA GLU A 90 20.25 -5.09 -2.96
C GLU A 90 21.00 -3.86 -2.46
N THR A 91 22.28 -3.79 -2.79
CA THR A 91 23.04 -2.59 -2.47
C THR A 91 23.44 -1.90 -3.76
N TYR A 92 22.91 -0.72 -4.02
CA TYR A 92 23.27 -0.01 -5.24
C TYR A 92 24.58 0.73 -5.06
N ALA A 93 25.05 1.35 -6.14
CA ALA A 93 26.39 1.96 -6.21
C ALA A 93 26.70 2.91 -5.04
N ASN A 94 25.77 3.83 -4.80
CA ASN A 94 25.88 4.82 -3.74
C ASN A 94 25.85 4.26 -2.32
N GLY A 95 25.54 2.96 -2.21
CA GLY A 95 25.49 2.32 -0.91
C GLY A 95 24.08 2.28 -0.36
N VAL A 96 23.13 2.89 -1.08
CA VAL A 96 21.73 2.81 -0.68
C VAL A 96 21.21 1.39 -0.82
N ARG A 97 20.68 0.85 0.27
CA ARG A 97 20.12 -0.48 0.25
C ARG A 97 18.60 -0.49 0.08
N LYS A 98 18.12 -1.54 -0.57
CA LYS A 98 16.74 -1.94 -0.48
C LYS A 98 16.76 -3.38 0.04
N VAL A 99 16.04 -3.65 1.12
CA VAL A 99 15.91 -5.04 1.53
C VAL A 99 14.46 -5.53 1.51
N THR A 100 14.27 -6.73 0.97
CA THR A 100 12.93 -7.21 0.73
C THR A 100 12.56 -8.37 1.63
N TYR A 101 11.41 -8.26 2.27
CA TYR A 101 10.87 -9.36 3.05
C TYR A 101 9.72 -10.01 2.31
N LEU A 102 9.60 -11.33 2.47
CA LEU A 102 8.44 -12.03 1.98
C LEU A 102 7.58 -12.49 3.15
N ASP A 103 6.32 -12.07 3.19
CA ASP A 103 5.39 -12.50 4.25
C ASP A 103 5.00 -13.97 4.03
N PRO A 104 4.32 -14.61 5.00
CA PRO A 104 3.97 -16.03 4.85
C PRO A 104 3.25 -16.40 3.54
N ASP A 105 2.55 -15.47 2.93
CA ASP A 105 1.89 -15.74 1.64
C ASP A 105 2.70 -15.39 0.41
N GLY A 106 3.81 -14.66 0.58
CA GLY A 106 4.64 -14.30 -0.54
C GLY A 106 4.57 -12.84 -0.97
N SER A 107 3.76 -12.03 -0.30
CA SER A 107 3.75 -10.61 -0.58
C SER A 107 5.11 -10.01 -0.22
N GLU A 108 5.47 -8.94 -0.92
CA GLU A 108 6.79 -8.31 -0.76
C GLU A 108 6.69 -7.03 0.06
N ILE A 109 7.40 -7.00 1.17
CA ILE A 109 7.52 -5.78 1.96
C ILE A 109 8.95 -5.31 1.92
N ALA A 110 9.20 -4.21 1.21
CA ALA A 110 10.55 -3.70 1.06
C ALA A 110 10.85 -2.50 1.94
N PHE A 111 12.10 -2.43 2.40
CA PHE A 111 12.58 -1.33 3.23
C PHE A 111 13.81 -0.74 2.59
N GLY A 112 13.75 0.55 2.32
CA GLY A 112 14.87 1.26 1.75
C GLY A 112 15.34 2.38 2.65
N GLU A 113 16.33 3.12 2.16
CA GLU A 113 16.88 4.23 2.91
C GLU A 113 17.51 5.27 1.99
N VAL A 114 17.55 6.49 2.47
CA VAL A 114 18.09 7.62 1.73
C VAL A 114 19.63 7.56 1.63
N PRO A 115 20.19 8.22 0.62
CA PRO A 115 21.64 8.26 0.43
C PRO A 115 22.38 8.99 1.57
N SER B 5 10.86 11.22 8.58
CA SER B 5 11.02 9.99 9.36
C SER B 5 10.64 8.71 8.60
N LEU B 6 9.60 8.81 7.77
CA LEU B 6 9.10 7.65 7.03
C LEU B 6 8.33 8.02 5.78
N ASN B 7 8.80 7.53 4.63
CA ASN B 7 8.04 7.58 3.39
C ASN B 7 7.38 6.23 3.15
N LEU B 8 6.06 6.23 3.08
CA LEU B 8 5.33 5.02 2.77
C LEU B 8 4.94 4.99 1.30
N PHE B 9 5.44 4.00 0.58
CA PHE B 9 5.08 3.81 -0.82
C PHE B 9 4.11 2.65 -0.94
N ALA B 10 2.82 2.95 -1.10
CA ALA B 10 1.80 1.94 -1.33
C ALA B 10 1.81 1.49 -2.80
N GLY B 11 2.19 0.23 -3.04
CA GLY B 11 2.31 -0.27 -4.40
C GLY B 11 1.13 -1.05 -4.94
N VAL B 12 0.95 -0.95 -6.26
CA VAL B 12 -0.03 -1.74 -6.98
C VAL B 12 0.63 -2.40 -8.17
N ALA B 13 0.60 -3.73 -8.19
CA ALA B 13 1.04 -4.47 -9.37
C ALA B 13 -0.04 -4.40 -10.45
N VAL B 14 0.44 -4.27 -11.68
CA VAL B 14 -0.42 -3.88 -12.79
C VAL B 14 -0.02 -4.74 -13.99
N GLY B 15 -0.97 -5.01 -14.89
CA GLY B 15 -0.71 -5.83 -16.05
C GLY B 15 -0.35 -4.96 -17.23
N ASP B 16 -1.36 -4.52 -17.96
CA ASP B 16 -1.20 -3.56 -19.05
C ASP B 16 -0.82 -2.18 -18.46
N PHE B 17 0.45 -1.80 -18.53
CA PHE B 17 0.89 -0.55 -17.89
C PHE B 17 0.22 0.68 -18.49
N GLY B 18 0.15 0.73 -19.81
CA GLY B 18 -0.53 1.81 -20.51
C GLY B 18 -1.97 1.99 -20.08
N ALA B 19 -2.71 0.89 -19.99
CA ALA B 19 -4.10 0.94 -19.54
C ALA B 19 -4.20 1.42 -18.08
N ALA B 20 -3.29 0.94 -17.23
CA ALA B 20 -3.34 1.29 -15.82
C ALA B 20 -3.00 2.77 -15.65
N LEU B 21 -1.98 3.21 -16.37
CA LEU B 21 -1.54 4.60 -16.29
C LEU B 21 -2.65 5.58 -16.72
N ALA B 22 -3.35 5.27 -17.80
CA ALA B 22 -4.50 6.08 -18.20
C ALA B 22 -5.53 6.19 -17.07
N TRP B 23 -5.85 5.05 -16.44
CA TRP B 23 -6.87 4.98 -15.40
C TRP B 23 -6.48 5.69 -14.10
N TYR B 24 -5.28 5.41 -13.58
CA TYR B 24 -4.84 6.07 -12.34
C TYR B 24 -4.68 7.59 -12.54
N ARG B 25 -4.17 8.03 -13.69
CA ARG B 25 -4.16 9.46 -14.01
C ARG B 25 -5.58 10.03 -13.98
N SER B 26 -6.53 9.33 -14.61
CA SER B 26 -7.91 9.77 -14.65
C SER B 26 -8.52 9.77 -13.25
N LEU B 27 -8.21 8.76 -12.45
CA LEU B 27 -8.73 8.70 -11.07
C LEU B 27 -8.19 9.86 -10.26
N LEU B 28 -6.87 9.94 -10.15
CA LEU B 28 -6.19 10.90 -9.30
C LEU B 28 -6.23 12.32 -9.87
N GLY B 29 -6.49 12.44 -11.17
CA GLY B 29 -6.51 13.75 -11.81
C GLY B 29 -5.16 14.46 -11.81
N ALA B 30 -4.08 13.70 -11.95
CA ALA B 30 -2.73 14.24 -11.88
C ALA B 30 -1.75 13.32 -12.59
N GLU B 31 -0.80 13.90 -13.32
CA GLU B 31 0.28 13.08 -13.87
C GLU B 31 1.13 12.63 -12.67
N PRO B 32 1.79 11.47 -12.79
CA PRO B 32 2.71 10.96 -11.77
C PRO B 32 3.72 12.03 -11.35
N THR B 33 4.20 11.95 -10.12
CA THR B 33 5.27 12.84 -9.66
C THR B 33 6.60 12.49 -10.31
N PHE B 34 6.92 11.20 -10.35
CA PHE B 34 8.11 10.72 -11.04
C PHE B 34 7.97 9.28 -11.52
N TYR B 35 8.88 8.88 -12.41
CA TYR B 35 8.82 7.59 -13.08
C TYR B 35 10.17 6.92 -12.92
N PRO B 36 10.26 5.99 -11.96
CA PRO B 36 11.50 5.24 -11.69
C PRO B 36 12.03 4.57 -12.94
N HIS B 37 11.12 4.09 -13.78
CA HIS B 37 11.48 3.63 -15.11
C HIS B 37 10.26 3.69 -16.01
N GLU B 38 10.37 3.15 -17.21
CA GLU B 38 9.30 3.27 -18.19
C GLU B 38 7.98 2.63 -17.75
N THR B 39 8.03 1.59 -16.93
CA THR B 39 6.79 0.94 -16.51
C THR B 39 6.62 0.99 -15.01
N GLU B 40 7.04 2.10 -14.42
CA GLU B 40 6.71 2.35 -13.03
C GLU B 40 6.39 3.82 -12.87
N ALA B 41 5.29 4.13 -12.19
CA ALA B 41 4.93 5.53 -11.96
C ALA B 41 4.55 5.75 -10.51
N VAL B 42 5.02 6.88 -9.95
CA VAL B 42 4.80 7.19 -8.55
C VAL B 42 4.04 8.52 -8.42
N TRP B 43 2.98 8.53 -7.62
CA TRP B 43 2.29 9.77 -7.26
C TRP B 43 2.56 10.09 -5.81
N GLN B 44 3.08 11.28 -5.55
CA GLN B 44 3.13 11.75 -4.19
C GLN B 44 1.78 12.37 -3.86
N LEU B 45 1.03 11.71 -2.99
CA LEU B 45 -0.29 12.18 -2.63
C LEU B 45 -0.15 13.32 -1.64
N GLU B 46 0.61 13.05 -0.59
CA GLU B 46 0.97 14.05 0.39
C GLU B 46 2.40 13.73 0.79
N GLU B 47 3.02 14.61 1.56
CA GLU B 47 4.36 14.33 2.07
C GLU B 47 4.38 13.01 2.84
N GLY B 48 5.25 12.09 2.42
CA GLY B 48 5.41 10.82 3.11
C GLY B 48 4.41 9.75 2.68
N ARG B 49 3.44 10.15 1.87
CA ARG B 49 2.38 9.25 1.41
C ARG B 49 2.39 9.16 -0.10
N LEU B 50 2.84 8.03 -0.62
CA LEU B 50 2.97 7.88 -2.06
C LEU B 50 2.28 6.63 -2.55
N LEU B 51 1.74 6.71 -3.77
CA LEU B 51 1.16 5.57 -4.44
C LEU B 51 1.95 5.27 -5.73
N TYR B 52 2.33 4.01 -5.93
CA TYR B 52 2.99 3.61 -7.19
C TYR B 52 2.35 2.42 -7.89
N ILE B 53 2.33 2.47 -9.21
CA ILE B 53 1.92 1.33 -10.00
C ILE B 53 3.15 0.80 -10.73
N VAL B 54 3.23 -0.50 -10.85
CA VAL B 54 4.37 -1.12 -11.49
C VAL B 54 3.89 -2.33 -12.27
N GLU B 55 4.44 -2.48 -13.47
CA GLU B 55 4.08 -3.62 -14.30
C GLU B 55 4.66 -4.93 -13.75
N ARG B 56 3.81 -5.73 -13.11
CA ARG B 56 4.18 -7.07 -12.62
C ARG B 56 2.94 -7.92 -12.80
N PRO B 57 2.76 -8.41 -14.02
CA PRO B 57 1.54 -9.07 -14.46
C PRO B 57 1.16 -10.24 -13.57
N GLU B 58 2.13 -11.00 -13.06
CA GLU B 58 1.81 -12.15 -12.22
C GLU B 58 1.12 -11.75 -10.89
N HIS B 59 1.18 -10.47 -10.51
CA HIS B 59 0.60 -10.03 -9.25
C HIS B 59 -0.56 -9.06 -9.41
N ALA B 60 -0.87 -8.73 -10.66
CA ALA B 60 -1.85 -7.68 -10.98
C ALA B 60 -3.30 -7.99 -10.50
N GLY B 61 -4.03 -6.98 -10.06
CA GLY B 61 -5.43 -7.18 -9.72
C GLY B 61 -5.72 -7.67 -8.32
N HIS B 62 -4.71 -7.67 -7.45
CA HIS B 62 -4.91 -8.17 -6.10
C HIS B 62 -4.64 -7.17 -5.00
N ALA B 63 -4.37 -5.92 -5.36
CA ALA B 63 -3.97 -4.91 -4.41
C ALA B 63 -5.17 -4.34 -3.66
N GLN B 65 -5.67 -0.72 -1.41
CA GLN B 65 -5.18 0.48 -0.77
C GLN B 65 -6.39 1.28 -0.34
N THR B 66 -6.31 1.90 0.83
CA THR B 66 -7.39 2.76 1.30
C THR B 66 -6.88 4.16 1.62
N LEU B 67 -7.55 5.16 1.06
CA LEU B 67 -7.20 6.56 1.27
C LEU B 67 -8.36 7.26 2.02
N ILE B 68 -8.11 7.66 3.26
CA ILE B 68 -9.09 8.45 4.00
C ILE B 68 -8.81 9.93 3.81
N VAL B 69 -9.73 10.63 3.16
CA VAL B 69 -9.53 12.04 2.82
C VAL B 69 -10.51 12.95 3.55
N GLU B 70 -10.31 14.25 3.42
CA GLU B 70 -11.19 15.24 4.05
C GLU B 70 -12.44 15.50 3.21
N ASP B 71 -12.28 15.60 1.89
CA ASP B 71 -13.42 15.90 1.02
C ASP B 71 -13.70 14.78 0.00
N LEU B 72 -14.42 13.77 0.45
CA LEU B 72 -14.72 12.61 -0.37
C LEU B 72 -15.50 12.99 -1.61
N ASP B 73 -16.39 13.98 -1.46
CA ASP B 73 -17.26 14.41 -2.56
C ASP B 73 -16.45 14.93 -3.73
N ALA B 74 -15.36 15.63 -3.42
CA ALA B 74 -14.44 16.14 -4.44
C ALA B 74 -13.74 15.00 -5.20
N VAL B 75 -13.28 13.99 -4.47
CA VAL B 75 -12.73 12.79 -5.09
C VAL B 75 -13.72 12.19 -6.09
N LEU B 76 -14.95 11.95 -5.65
CA LEU B 76 -15.98 11.38 -6.51
C LEU B 76 -16.27 12.24 -7.74
N SER B 77 -16.54 13.52 -7.51
CA SER B 77 -16.82 14.48 -8.59
C SER B 77 -15.66 14.55 -9.58
N GLY B 78 -14.46 14.68 -9.04
CA GLY B 78 -13.25 14.75 -9.85
C GLY B 78 -13.14 13.57 -10.78
N ALA B 79 -13.18 12.36 -10.22
CA ALA B 79 -13.01 11.15 -11.01
C ALA B 79 -14.13 11.01 -12.05
N SER B 80 -15.34 11.40 -11.65
CA SER B 80 -16.49 11.25 -12.50
C SER B 80 -16.39 12.12 -13.74
N GLU B 81 -15.97 13.36 -13.51
CA GLU B 81 -15.72 14.30 -14.59
C GLU B 81 -14.62 13.80 -15.52
N ARG B 82 -13.81 12.87 -15.03
CA ARG B 82 -12.74 12.29 -15.83
C ARG B 82 -13.03 10.85 -16.24
N GLY B 83 -14.31 10.50 -16.30
CA GLY B 83 -14.73 9.18 -16.78
C GLY B 83 -14.44 7.99 -15.88
N VAL B 84 -14.23 8.22 -14.59
CA VAL B 84 -14.03 7.12 -13.68
C VAL B 84 -15.12 7.03 -12.61
N GLU B 85 -15.88 5.96 -12.64
CA GLU B 85 -16.97 5.73 -11.69
C GLU B 85 -16.61 4.65 -10.67
N ALA B 86 -17.14 4.79 -9.45
CA ALA B 86 -16.83 3.86 -8.38
C ALA B 86 -17.53 2.52 -8.61
N ALA B 87 -16.93 1.44 -8.14
CA ALA B 87 -17.55 0.14 -8.21
C ALA B 87 -18.57 -0.04 -7.09
N LYS B 88 -18.26 0.48 -5.91
CA LYS B 88 -19.13 0.30 -4.76
C LYS B 88 -19.13 1.53 -3.88
N GLN B 89 -20.27 1.80 -3.26
CA GLN B 89 -20.37 2.86 -2.25
C GLN B 89 -21.11 2.36 -1.01
N GLU B 90 -20.50 2.57 0.16
CA GLU B 90 -21.13 2.20 1.43
C GLU B 90 -21.25 3.43 2.32
N THR B 91 -22.44 3.63 2.87
CA THR B 91 -22.65 4.72 3.82
C THR B 91 -23.23 4.16 5.11
N TYR B 92 -22.66 4.58 6.24
CA TYR B 92 -23.19 4.15 7.53
C TYR B 92 -24.01 5.25 8.17
N ALA B 93 -24.89 4.87 9.09
CA ALA B 93 -25.78 5.82 9.74
C ALA B 93 -24.99 6.85 10.52
N ASN B 94 -23.86 6.43 11.07
CA ASN B 94 -22.96 7.35 11.78
C ASN B 94 -22.15 8.29 10.89
N GLY B 95 -22.36 8.22 9.57
CA GLY B 95 -21.75 9.17 8.66
C GLY B 95 -20.54 8.69 7.86
N VAL B 96 -19.87 7.66 8.37
CA VAL B 96 -18.76 7.04 7.64
C VAL B 96 -19.15 6.58 6.22
N ARG B 97 -18.32 6.95 5.25
CA ARG B 97 -18.50 6.57 3.86
C ARG B 97 -17.25 5.91 3.33
N LYS B 98 -17.42 4.88 2.52
CA LYS B 98 -16.30 4.24 1.87
C LYS B 98 -16.67 4.04 0.41
N VAL B 99 -15.82 4.53 -0.47
CA VAL B 99 -16.08 4.39 -1.89
C VAL B 99 -14.97 3.54 -2.52
N THR B 100 -15.32 2.45 -3.20
CA THR B 100 -14.32 1.55 -3.77
C THR B 100 -14.28 1.62 -5.29
N TYR B 101 -13.07 1.83 -5.83
CA TYR B 101 -12.85 1.81 -7.27
C TYR B 101 -12.10 0.53 -7.63
N LEU B 102 -12.27 0.06 -8.86
CA LEU B 102 -11.53 -1.10 -9.35
C LEU B 102 -10.67 -0.68 -10.51
N ASP B 103 -9.35 -0.91 -10.40
CA ASP B 103 -8.44 -0.52 -11.47
C ASP B 103 -8.62 -1.49 -12.65
N PRO B 104 -7.98 -1.20 -13.80
CA PRO B 104 -8.24 -2.06 -14.96
C PRO B 104 -8.01 -3.54 -14.69
N ASP B 105 -7.05 -3.87 -13.81
CA ASP B 105 -6.75 -5.28 -13.53
C ASP B 105 -7.64 -5.93 -12.47
N GLY B 106 -8.45 -5.13 -11.77
CA GLY B 106 -9.24 -5.63 -10.66
C GLY B 106 -8.82 -5.27 -9.24
N SER B 107 -7.73 -4.55 -9.03
CA SER B 107 -7.36 -4.11 -7.68
C SER B 107 -8.33 -3.07 -7.10
N GLU B 108 -8.41 -3.05 -5.77
CA GLU B 108 -9.33 -2.17 -5.06
C GLU B 108 -8.65 -0.93 -4.49
N ILE B 109 -9.07 0.22 -4.99
CA ILE B 109 -8.60 1.48 -4.47
C ILE B 109 -9.80 2.14 -3.82
N ALA B 110 -9.75 2.26 -2.50
CA ALA B 110 -10.89 2.77 -1.74
C ALA B 110 -10.62 4.15 -1.13
N PHE B 111 -11.64 4.99 -1.18
CA PHE B 111 -11.60 6.29 -0.52
C PHE B 111 -12.67 6.34 0.54
N GLY B 112 -12.31 6.94 1.66
CA GLY B 112 -13.23 7.05 2.76
C GLY B 112 -13.12 8.39 3.43
N GLU B 113 -14.16 8.69 4.22
CA GLU B 113 -14.28 9.91 5.00
C GLU B 113 -14.77 9.47 6.38
N VAL B 114 -14.21 10.09 7.42
CA VAL B 114 -14.68 9.86 8.78
C VAL B 114 -14.83 11.18 9.53
#